data_2ZKH
#
_entry.id   2ZKH
#
_cell.length_a   57.667
_cell.length_b   71.416
_cell.length_c   104.433
_cell.angle_alpha   90.00
_cell.angle_beta   90.00
_cell.angle_gamma   90.00
#
_symmetry.space_group_name_H-M   'P 21 21 21'
#
loop_
_entity.id
_entity.type
_entity.pdbx_description
1 polymer 'Monoclonal TN1 FAB light chain'
2 polymer 'Monoclonal TN1 FAB heavy chain'
3 water water
#
loop_
_entity_poly.entity_id
_entity_poly.type
_entity_poly.pdbx_seq_one_letter_code
_entity_poly.pdbx_strand_id
1 'polypeptide(L)'
;QVVLTQSPGIMSASPGEKVTITCSASSSVSYMYWFQQKPGTSPKLWIYSTSNLASGVPARFRGSGSGTSYSLTISRMEAE
DAATYYCQQRSGYPRTFGGGTKLEIKRADAAPTVSIFPPSSEQLTSGGASVVCFLNNFYPKDINVKWKIDGSERQNGVLN
SWTDQDSKDSTYSMSSTLTLTKDEYERHNSYTCEATHKTSTSPIVKSFNRNEC
;
L
2 'polypeptide(L)'
;EVKLEESGGGLVQPGGSMKLSCAASGFTFSDAWMDWVRQSPEKGLEWVAEIRSKVNNHAIHYAESVKGRFTVSRDDSKSS
VYLQMNSLRAEDTGIYYCSGWSFLYWGQGTLVTVSAAKTTPPSVYPLAPGSAAQTNSMVTLGCLVKGYFPEPVTVTWNSG
SLSSGVHTFPAVLQSDLYTLSSSVTVPSSTWPSETVTCNVAHPASSTKVDKKIVPRD
;
H
#
# COMPACT_ATOMS: atom_id res chain seq x y z
N GLN A 1 16.58 -7.55 -21.23
CA GLN A 1 15.26 -7.34 -20.55
C GLN A 1 14.44 -6.20 -21.18
N VAL A 2 13.25 -6.53 -21.68
CA VAL A 2 12.34 -5.56 -22.27
C VAL A 2 11.82 -4.57 -21.22
N VAL A 3 12.00 -3.29 -21.47
CA VAL A 3 11.50 -2.27 -20.55
C VAL A 3 10.14 -1.79 -21.05
N LEU A 4 9.14 -1.85 -20.18
CA LEU A 4 7.78 -1.37 -20.50
C LEU A 4 7.50 -0.04 -19.84
N THR A 5 7.24 0.97 -20.65
CA THR A 5 6.94 2.29 -20.13
C THR A 5 5.48 2.60 -20.36
N GLN A 6 4.76 2.80 -19.28
CA GLN A 6 3.35 3.11 -19.33
C GLN A 6 3.12 4.61 -19.27
N SER A 7 2.13 5.07 -20.05
CA SER A 7 1.71 6.46 -20.03
C SER A 7 0.20 6.51 -19.98
N PRO A 8 -0.37 7.45 -19.20
CA PRO A 8 0.32 8.28 -18.24
C PRO A 8 0.67 7.47 -16.99
N GLY A 9 1.50 8.02 -16.10
CA GLY A 9 1.75 7.36 -14.83
C GLY A 9 0.52 7.43 -13.95
N ILE A 10 -0.19 8.54 -14.08
CA ILE A 10 -1.37 8.83 -13.26
C ILE A 10 -2.30 9.78 -13.99
N MET A 11 -3.59 9.58 -13.78
CA MET A 11 -4.64 10.38 -14.40
C MET A 11 -5.93 10.22 -13.63
N SER A 12 -6.84 11.16 -13.81
CA SER A 12 -8.16 11.04 -13.24
C SER A 12 -9.21 11.18 -14.33
N ALA A 13 -10.35 10.54 -14.12
CA ALA A 13 -11.45 10.65 -15.08
C ALA A 13 -12.78 10.61 -14.36
N SER A 14 -13.80 11.18 -15.01
CA SER A 14 -15.16 11.12 -14.54
C SER A 14 -15.85 9.95 -15.22
N PRO A 15 -16.71 9.23 -14.47
CA PRO A 15 -17.52 8.19 -15.11
C PRO A 15 -18.19 8.69 -16.39
N GLY A 16 -18.21 7.82 -17.40
CA GLY A 16 -18.70 8.19 -18.72
C GLY A 16 -17.61 8.65 -19.67
N GLU A 17 -16.42 8.98 -19.15
CA GLU A 17 -15.34 9.46 -20.01
C GLU A 17 -14.55 8.31 -20.63
N LYS A 18 -14.03 8.54 -21.84
CA LYS A 18 -13.16 7.59 -22.49
C LYS A 18 -11.77 7.72 -21.87
N VAL A 19 -11.13 6.58 -21.63
CA VAL A 19 -9.81 6.51 -21.02
C VAL A 19 -8.93 5.62 -21.89
N THR A 20 -7.75 6.12 -22.26
CA THR A 20 -6.77 5.35 -23.03
C THR A 20 -5.46 5.39 -22.30
N ILE A 21 -4.93 4.23 -21.98
CA ILE A 21 -3.60 4.14 -21.37
C ILE A 21 -2.65 3.32 -22.28
N THR A 22 -1.41 3.74 -22.39
CA THR A 22 -0.49 3.14 -23.35
C THR A 22 0.71 2.49 -22.67
N CYS A 23 1.26 1.48 -23.34
CA CYS A 23 2.45 0.77 -22.89
C CYS A 23 3.41 0.79 -24.08
N SER A 24 4.62 1.26 -23.86
CA SER A 24 5.63 1.29 -24.89
C SER A 24 6.77 0.35 -24.46
N ALA A 25 7.11 -0.60 -25.33
CA ALA A 25 8.19 -1.56 -25.08
C ALA A 25 9.52 -1.09 -25.69
N SER A 26 10.63 -1.35 -25.00
CA SER A 26 11.96 -1.00 -25.51
C SER A 26 12.33 -1.80 -26.77
N SER A 27 11.80 -3.00 -26.89
CA SER A 27 11.96 -3.79 -28.10
C SER A 27 10.64 -4.47 -28.38
N SER A 28 10.41 -4.87 -29.62
CA SER A 28 9.10 -5.39 -29.99
C SER A 28 8.82 -6.72 -29.30
N VAL A 29 7.54 -6.92 -29.00
CA VAL A 29 7.06 -8.13 -28.34
C VAL A 29 5.86 -8.64 -29.13
N SER A 30 5.57 -9.94 -29.04
CA SER A 30 4.50 -10.54 -29.84
C SER A 30 3.12 -10.18 -29.31
N TYR A 31 2.99 -10.12 -27.98
CA TYR A 31 1.72 -9.84 -27.29
C TYR A 31 1.93 -8.99 -26.03
N MET A 32 0.93 -8.20 -25.68
CA MET A 32 0.92 -7.53 -24.38
C MET A 32 -0.18 -8.12 -23.49
N TYR A 33 0.09 -8.16 -22.19
CA TYR A 33 -0.88 -8.62 -21.21
C TYR A 33 -1.11 -7.48 -20.22
N TRP A 34 -2.30 -7.41 -19.66
CA TRP A 34 -2.66 -6.34 -18.74
C TRP A 34 -3.28 -6.91 -17.48
N PHE A 35 -2.98 -6.26 -16.37
CA PHE A 35 -3.40 -6.65 -15.04
C PHE A 35 -3.99 -5.45 -14.34
N GLN A 36 -5.04 -5.71 -13.54
CA GLN A 36 -5.66 -4.68 -12.72
C GLN A 36 -5.31 -4.97 -11.28
N GLN A 37 -5.01 -3.95 -10.52
CA GLN A 37 -4.80 -4.04 -9.10
C GLN A 37 -5.45 -2.90 -8.35
N LYS A 38 -6.09 -3.24 -7.26
CA LYS A 38 -6.63 -2.25 -6.33
C LYS A 38 -5.89 -2.37 -5.00
N PRO A 39 -5.78 -1.26 -4.23
CA PRO A 39 -4.97 -1.34 -3.02
C PRO A 39 -5.42 -2.44 -2.09
N GLY A 40 -4.46 -3.15 -1.51
CA GLY A 40 -4.75 -4.22 -0.57
C GLY A 40 -5.17 -5.55 -1.16
N THR A 41 -5.16 -5.67 -2.49
CA THR A 41 -5.42 -6.98 -3.11
C THR A 41 -4.42 -7.32 -4.21
N SER A 42 -4.46 -8.58 -4.64
CA SER A 42 -3.55 -9.09 -5.66
C SER A 42 -3.90 -8.56 -7.04
N PRO A 43 -2.90 -8.54 -7.95
CA PRO A 43 -3.21 -8.24 -9.35
C PRO A 43 -4.17 -9.26 -9.92
N LYS A 44 -5.00 -8.83 -10.86
CA LYS A 44 -5.91 -9.73 -11.54
C LYS A 44 -5.61 -9.62 -13.03
N LEU A 45 -5.49 -10.75 -13.71
CA LEU A 45 -5.35 -10.74 -15.17
C LEU A 45 -6.56 -9.99 -15.72
N TRP A 46 -6.32 -9.05 -16.62
CA TRP A 46 -7.39 -8.21 -17.15
C TRP A 46 -7.54 -8.45 -18.65
N ILE A 47 -6.41 -8.45 -19.35
CA ILE A 47 -6.36 -8.67 -20.78
C ILE A 47 -5.19 -9.61 -21.10
N TYR A 48 -5.42 -10.58 -21.97
CA TYR A 48 -4.35 -11.50 -22.34
C TYR A 48 -4.22 -11.57 -23.86
N SER A 49 -3.01 -11.87 -24.34
CA SER A 49 -2.70 -11.93 -25.78
C SER A 49 -3.18 -10.67 -26.50
N THR A 50 -2.84 -9.53 -25.92
CA THR A 50 -3.09 -8.21 -26.48
C THR A 50 -4.54 -7.71 -26.39
N SER A 51 -5.50 -8.55 -26.75
CA SER A 51 -6.85 -8.06 -27.01
C SER A 51 -7.96 -8.91 -26.42
N ASN A 52 -7.59 -9.98 -25.71
CA ASN A 52 -8.59 -10.86 -25.12
C ASN A 52 -8.92 -10.45 -23.69
N LEU A 53 -10.21 -10.23 -23.43
CA LEU A 53 -10.67 -9.90 -22.08
C LEU A 53 -10.69 -11.15 -21.22
N ALA A 54 -10.11 -11.05 -20.03
CA ALA A 54 -10.20 -12.12 -19.05
C ALA A 54 -11.67 -12.30 -18.60
N SER A 55 -12.01 -13.46 -18.05
CA SER A 55 -13.37 -13.70 -17.53
C SER A 55 -13.78 -12.64 -16.52
N GLY A 56 -15.01 -12.13 -16.64
CA GLY A 56 -15.51 -11.11 -15.74
C GLY A 56 -15.20 -9.66 -16.11
N VAL A 57 -14.27 -9.45 -17.04
CA VAL A 57 -13.91 -8.09 -17.48
C VAL A 57 -15.00 -7.52 -18.40
N PRO A 58 -15.55 -6.34 -18.07
CA PRO A 58 -16.63 -5.81 -18.88
C PRO A 58 -16.19 -5.32 -20.26
N ALA A 59 -17.16 -5.27 -21.17
CA ALA A 59 -16.92 -4.97 -22.58
C ALA A 59 -16.38 -3.57 -22.87
N ARG A 60 -16.51 -2.65 -21.88
CA ARG A 60 -15.96 -1.29 -21.94
C ARG A 60 -14.49 -1.28 -22.27
N PHE A 61 -13.80 -2.31 -21.79
CA PHE A 61 -12.36 -2.47 -21.97
C PHE A 61 -12.01 -3.08 -23.33
N ARG A 62 -10.93 -2.58 -23.91
CA ARG A 62 -10.40 -3.05 -25.18
C ARG A 62 -8.87 -2.99 -25.12
N GLY A 63 -8.22 -4.12 -25.35
CA GLY A 63 -6.77 -4.14 -25.55
C GLY A 63 -6.43 -4.12 -27.04
N SER A 64 -5.37 -3.41 -27.39
CA SER A 64 -4.90 -3.36 -28.77
C SER A 64 -3.41 -3.08 -28.79
N GLY A 65 -2.83 -3.13 -29.99
CA GLY A 65 -1.46 -2.74 -30.18
C GLY A 65 -0.65 -3.78 -30.90
N SER A 66 0.58 -3.41 -31.24
CA SER A 66 1.47 -4.30 -31.97
C SER A 66 2.91 -3.81 -31.82
N GLY A 67 3.87 -4.71 -32.00
CA GLY A 67 5.29 -4.32 -32.02
C GLY A 67 5.72 -3.77 -30.67
N THR A 68 6.01 -2.47 -30.61
CA THR A 68 6.43 -1.83 -29.35
C THR A 68 5.34 -0.97 -28.69
N SER A 69 4.12 -0.91 -29.26
CA SER A 69 3.09 0.04 -28.79
C SER A 69 1.75 -0.60 -28.56
N TYR A 70 1.33 -0.61 -27.29
CA TYR A 70 0.09 -1.25 -26.94
C TYR A 70 -0.75 -0.30 -26.11
N SER A 71 -2.06 -0.55 -26.09
CA SER A 71 -3.01 0.32 -25.40
C SER A 71 -4.08 -0.47 -24.68
N LEU A 72 -4.57 0.11 -23.60
CA LEU A 72 -5.77 -0.33 -22.92
C LEU A 72 -6.75 0.83 -22.96
N THR A 73 -7.94 0.57 -23.51
CA THR A 73 -8.95 1.61 -23.70
C THR A 73 -10.20 1.27 -22.89
N ILE A 74 -10.71 2.25 -22.15
CA ILE A 74 -12.05 2.13 -21.58
C ILE A 74 -12.95 3.06 -22.37
N SER A 75 -13.96 2.50 -23.04
CA SER A 75 -14.87 3.27 -23.89
C SER A 75 -15.59 4.36 -23.09
N ARG A 76 -16.06 3.98 -21.91
CA ARG A 76 -16.83 4.83 -21.02
C ARG A 76 -16.53 4.32 -19.63
N MET A 77 -15.75 5.09 -18.87
CA MET A 77 -15.29 4.60 -17.58
C MET A 77 -16.38 4.53 -16.52
N GLU A 78 -16.22 3.59 -15.60
CA GLU A 78 -17.13 3.43 -14.46
C GLU A 78 -16.28 3.68 -13.23
N ALA A 79 -16.89 4.12 -12.13
CA ALA A 79 -16.13 4.41 -10.91
C ALA A 79 -15.33 3.20 -10.45
N GLU A 80 -15.91 2.00 -10.58
CA GLU A 80 -15.23 0.75 -10.24
C GLU A 80 -13.94 0.47 -11.01
N ASP A 81 -13.72 1.19 -12.10
CA ASP A 81 -12.51 1.05 -12.92
C ASP A 81 -11.28 1.76 -12.34
N ALA A 82 -11.49 2.60 -11.32
CA ALA A 82 -10.38 3.25 -10.62
C ALA A 82 -9.49 2.18 -10.01
N ALA A 83 -8.26 2.13 -10.48
CA ALA A 83 -7.31 1.08 -10.10
C ALA A 83 -5.96 1.39 -10.70
N THR A 84 -4.96 0.55 -10.42
CA THR A 84 -3.72 0.63 -11.19
C THR A 84 -3.72 -0.50 -12.22
N TYR A 85 -3.35 -0.16 -13.44
CA TYR A 85 -3.23 -1.13 -14.51
C TYR A 85 -1.77 -1.28 -14.90
N TYR A 86 -1.33 -2.53 -14.97
CA TYR A 86 0.04 -2.87 -15.35
C TYR A 86 0.00 -3.64 -16.66
N CYS A 87 0.88 -3.27 -17.59
CA CYS A 87 1.14 -4.08 -18.77
C CYS A 87 2.25 -5.08 -18.41
N GLN A 88 2.37 -6.15 -19.19
CA GLN A 88 3.35 -7.19 -18.96
C GLN A 88 3.62 -7.85 -20.31
N GLN A 89 4.89 -8.17 -20.53
CA GLN A 89 5.30 -8.90 -21.75
C GLN A 89 5.90 -10.24 -21.34
N ARG A 90 5.73 -11.24 -22.20
CA ARG A 90 6.27 -12.58 -21.96
C ARG A 90 6.95 -13.07 -23.22
N SER A 91 7.66 -12.17 -23.90
CA SER A 91 8.22 -12.53 -25.20
C SER A 91 9.59 -13.18 -25.07
N GLY A 92 10.09 -13.17 -23.85
CA GLY A 92 11.28 -13.90 -23.47
C GLY A 92 11.39 -13.81 -21.97
N TYR A 93 12.61 -14.04 -21.49
CA TYR A 93 12.94 -13.94 -20.08
C TYR A 93 13.94 -12.81 -19.91
N PRO A 94 13.77 -11.96 -18.88
CA PRO A 94 12.73 -12.07 -17.85
C PRO A 94 11.38 -11.57 -18.36
N ARG A 95 10.30 -12.10 -17.79
CA ARG A 95 8.98 -11.48 -17.92
C ARG A 95 9.12 -10.16 -17.20
N THR A 96 8.53 -9.12 -17.78
CA THR A 96 8.60 -7.78 -17.17
C THR A 96 7.24 -7.12 -17.18
N PHE A 97 7.08 -6.19 -16.24
CA PHE A 97 5.85 -5.42 -16.04
C PHE A 97 6.21 -3.94 -16.25
N GLY A 98 5.26 -3.16 -16.77
CA GLY A 98 5.37 -1.71 -16.80
C GLY A 98 5.20 -1.17 -15.38
N GLY A 99 5.42 0.14 -15.19
CA GLY A 99 5.43 0.72 -13.86
C GLY A 99 4.05 1.00 -13.30
N GLY A 100 3.02 0.79 -14.12
CA GLY A 100 1.64 1.01 -13.71
C GLY A 100 1.10 2.34 -14.17
N THR A 101 -0.19 2.36 -14.50
CA THR A 101 -0.93 3.58 -14.71
C THR A 101 -2.03 3.54 -13.67
N LYS A 102 -2.04 4.55 -12.81
CA LYS A 102 -3.03 4.70 -11.78
C LYS A 102 -4.18 5.58 -12.31
N LEU A 103 -5.37 4.98 -12.39
CA LEU A 103 -6.56 5.71 -12.81
C LEU A 103 -7.38 6.09 -11.58
N GLU A 104 -7.48 7.39 -11.32
CA GLU A 104 -8.21 7.92 -10.16
C GLU A 104 -9.52 8.58 -10.59
N ILE A 105 -10.38 8.89 -9.63
CA ILE A 105 -11.67 9.52 -9.89
C ILE A 105 -11.60 11.04 -9.72
N LYS A 106 -12.06 11.74 -10.74
CA LYS A 106 -12.20 13.19 -10.75
C LYS A 106 -13.42 13.59 -9.91
N ARG A 107 -13.25 14.56 -9.01
CA ARG A 107 -14.38 15.10 -8.24
C ARG A 107 -14.19 16.60 -8.00
N ALA A 108 -15.14 17.21 -7.30
CA ALA A 108 -15.09 18.63 -7.00
C ALA A 108 -13.99 18.92 -5.99
N ASP A 109 -13.46 20.14 -6.04
CA ASP A 109 -12.46 20.54 -5.07
C ASP A 109 -13.05 20.51 -3.65
N ALA A 110 -12.18 20.24 -2.67
CA ALA A 110 -12.59 20.17 -1.27
C ALA A 110 -11.45 20.64 -0.40
N ALA A 111 -11.77 21.54 0.54
CA ALA A 111 -10.79 22.09 1.48
C ALA A 111 -10.44 21.02 2.49
N PRO A 112 -9.16 20.98 2.94
CA PRO A 112 -8.79 20.04 4.01
C PRO A 112 -9.48 20.38 5.33
N THR A 113 -9.90 19.35 6.08
CA THR A 113 -10.30 19.55 7.47
C THR A 113 -9.04 19.32 8.29
N VAL A 114 -8.62 20.35 9.00
CA VAL A 114 -7.35 20.30 9.72
C VAL A 114 -7.56 20.16 11.23
N SER A 115 -6.86 19.20 11.84
CA SER A 115 -6.94 18.95 13.27
C SER A 115 -5.54 18.76 13.87
N ILE A 116 -5.23 19.53 14.89
CA ILE A 116 -3.97 19.35 15.61
C ILE A 116 -4.17 18.68 16.98
N PHE A 117 -3.21 17.84 17.35
CA PHE A 117 -3.29 17.05 18.59
C PHE A 117 -2.01 17.19 19.40
N PRO A 118 -2.14 17.57 20.68
CA PRO A 118 -0.96 17.60 21.55
C PRO A 118 -0.43 16.18 21.82
N PRO A 119 0.80 16.06 22.34
CA PRO A 119 1.27 14.77 22.84
C PRO A 119 0.35 14.28 23.94
N SER A 120 0.15 12.97 24.01
CA SER A 120 -0.61 12.39 25.09
C SER A 120 0.24 12.37 26.35
N SER A 121 -0.44 12.41 27.49
CA SER A 121 0.19 12.31 28.80
C SER A 121 1.05 11.04 28.89
N GLU A 122 0.56 9.94 28.34
CA GLU A 122 1.28 8.68 28.40
C GLU A 122 2.58 8.71 27.57
N GLN A 123 2.55 9.34 26.39
CA GLN A 123 3.80 9.49 25.63
C GLN A 123 4.81 10.38 26.34
N LEU A 124 4.34 11.49 26.92
CA LEU A 124 5.23 12.39 27.64
C LEU A 124 6.02 11.69 28.74
N THR A 125 5.35 10.78 29.45
CA THR A 125 5.98 9.95 30.49
C THR A 125 7.17 9.14 29.96
N SER A 126 7.10 8.73 28.70
CA SER A 126 8.15 7.96 28.04
C SER A 126 9.35 8.81 27.60
N GLY A 127 9.25 10.13 27.74
CA GLY A 127 10.31 11.04 27.30
C GLY A 127 10.12 11.54 25.87
N GLY A 128 8.95 11.25 25.29
CA GLY A 128 8.63 11.61 23.91
C GLY A 128 7.47 12.59 23.78
N ALA A 129 7.48 13.36 22.70
CA ALA A 129 6.40 14.31 22.42
C ALA A 129 6.15 14.39 20.93
N SER A 130 5.15 13.66 20.47
CA SER A 130 4.72 13.72 19.07
C SER A 130 3.50 14.62 19.01
N VAL A 131 3.59 15.63 18.15
CA VAL A 131 2.46 16.49 17.83
C VAL A 131 1.96 16.03 16.47
N VAL A 132 0.65 15.81 16.34
CA VAL A 132 0.07 15.25 15.13
C VAL A 132 -0.89 16.24 14.49
N CYS A 133 -0.80 16.36 13.18
CA CYS A 133 -1.72 17.15 12.41
C CYS A 133 -2.37 16.24 11.37
N PHE A 134 -3.70 16.21 11.34
CA PHE A 134 -4.42 15.55 10.23
C PHE A 134 -4.96 16.60 9.28
N LEU A 135 -4.75 16.37 7.99
CA LEU A 135 -5.29 17.19 6.91
C LEU A 135 -6.21 16.24 6.16
N ASN A 136 -7.50 16.32 6.39
CA ASN A 136 -8.40 15.27 6.05
C ASN A 136 -9.40 15.66 4.94
N ASN A 137 -9.64 14.75 4.01
CA ASN A 137 -10.69 14.86 3.01
C ASN A 137 -10.62 16.08 2.10
N PHE A 138 -9.49 16.24 1.42
CA PHE A 138 -9.31 17.35 0.50
C PHE A 138 -9.19 16.82 -0.94
N TYR A 139 -9.46 17.70 -1.89
CA TYR A 139 -9.29 17.41 -3.32
C TYR A 139 -8.94 18.71 -4.03
N PRO A 140 -7.95 18.69 -4.96
CA PRO A 140 -7.09 17.59 -5.41
C PRO A 140 -5.95 17.26 -4.43
N LYS A 141 -5.10 16.33 -4.82
CA LYS A 141 -4.20 15.68 -3.88
C LYS A 141 -2.99 16.51 -3.40
N ASP A 142 -2.63 17.57 -4.12
CA ASP A 142 -1.44 18.34 -3.76
C ASP A 142 -1.73 19.25 -2.57
N ILE A 143 -0.86 19.17 -1.57
CA ILE A 143 -1.03 19.94 -0.36
C ILE A 143 0.34 20.15 0.29
N ASN A 144 0.50 21.26 1.00
CA ASN A 144 1.72 21.46 1.78
C ASN A 144 1.35 21.66 3.24
N VAL A 145 2.11 21.06 4.15
CA VAL A 145 1.98 21.31 5.58
C VAL A 145 3.24 22.01 6.10
N LYS A 146 3.02 23.01 6.95
CA LYS A 146 4.10 23.72 7.60
C LYS A 146 3.90 23.61 9.10
N TRP A 147 4.98 23.35 9.83
CA TRP A 147 4.94 23.34 11.29
C TRP A 147 5.61 24.59 11.84
N LYS A 148 5.02 25.15 12.89
CA LYS A 148 5.61 26.29 13.56
C LYS A 148 5.61 26.05 15.06
N ILE A 149 6.75 26.33 15.69
CA ILE A 149 6.90 26.23 17.13
C ILE A 149 7.17 27.64 17.63
N ASP A 150 6.32 28.13 18.55
CA ASP A 150 6.36 29.54 18.99
C ASP A 150 6.47 30.53 17.80
N GLY A 151 5.66 30.26 16.78
CA GLY A 151 5.63 31.11 15.59
C GLY A 151 6.73 30.90 14.57
N SER A 152 7.79 30.18 14.94
CA SER A 152 8.91 29.94 14.03
C SER A 152 8.79 28.60 13.32
N GLU A 153 8.97 28.63 12.00
CA GLU A 153 8.92 27.43 11.18
C GLU A 153 9.86 26.35 11.68
N ARG A 154 9.33 25.14 11.83
CA ARG A 154 10.15 24.01 12.20
C ARG A 154 10.30 23.02 11.05
N GLN A 155 11.53 22.86 10.60
CA GLN A 155 11.91 21.80 9.69
C GLN A 155 12.84 20.83 10.43
N ASN A 156 12.63 19.54 10.19
CA ASN A 156 13.37 18.43 10.80
C ASN A 156 12.48 17.73 11.84
N GLY A 157 12.53 16.39 11.84
CA GLY A 157 11.73 15.58 12.75
C GLY A 157 10.27 15.39 12.33
N VAL A 158 9.99 15.62 11.04
CA VAL A 158 8.62 15.56 10.53
C VAL A 158 8.37 14.28 9.72
N LEU A 159 7.36 13.56 10.13
CA LEU A 159 6.93 12.32 9.49
C LEU A 159 5.62 12.61 8.74
N ASN A 160 5.64 12.52 7.42
CA ASN A 160 4.48 12.80 6.58
C ASN A 160 3.97 11.54 5.88
N SER A 161 2.65 11.38 5.82
CA SER A 161 2.01 10.22 5.21
C SER A 161 0.74 10.66 4.49
N TRP A 162 0.49 10.07 3.32
CA TRP A 162 -0.61 10.44 2.45
C TRP A 162 -1.44 9.22 2.13
N THR A 163 -2.76 9.35 2.24
CA THR A 163 -3.63 8.24 1.85
C THR A 163 -3.81 8.18 0.31
N ASP A 164 -4.22 7.01 -0.17
CA ASP A 164 -4.78 6.85 -1.50
C ASP A 164 -6.17 7.47 -1.50
N GLN A 165 -6.69 7.71 -2.70
CA GLN A 165 -8.01 8.27 -2.85
C GLN A 165 -9.03 7.47 -2.03
N ASP A 166 -9.89 8.18 -1.31
CA ASP A 166 -10.91 7.54 -0.49
C ASP A 166 -11.93 6.86 -1.39
N SER A 167 -12.25 5.61 -1.07
CA SER A 167 -13.15 4.82 -1.91
C SER A 167 -14.58 5.31 -1.78
N LYS A 168 -14.91 5.92 -0.63
CA LYS A 168 -16.22 6.54 -0.43
C LYS A 168 -16.36 7.89 -1.17
N ASP A 169 -15.70 8.94 -0.64
CA ASP A 169 -15.86 10.32 -1.17
C ASP A 169 -14.81 10.80 -2.16
N SER A 170 -13.90 9.94 -2.58
CA SER A 170 -12.91 10.29 -3.63
C SER A 170 -11.90 11.40 -3.26
N THR A 171 -11.75 11.67 -1.96
CA THR A 171 -10.85 12.72 -1.49
C THR A 171 -9.52 12.09 -1.02
N TYR A 172 -8.58 12.97 -0.64
CA TYR A 172 -7.27 12.56 -0.14
C TYR A 172 -7.10 13.07 1.28
N SER A 173 -6.29 12.37 2.06
CA SER A 173 -5.93 12.82 3.40
C SER A 173 -4.42 12.75 3.61
N MET A 174 -3.96 13.49 4.62
CA MET A 174 -2.55 13.56 4.95
C MET A 174 -2.40 13.64 6.47
N SER A 175 -1.37 12.96 6.99
CA SER A 175 -1.02 13.04 8.40
C SER A 175 0.41 13.54 8.50
N SER A 176 0.64 14.43 9.46
CA SER A 176 1.96 15.01 9.69
C SER A 176 2.25 14.96 11.17
N THR A 177 3.38 14.36 11.53
CA THR A 177 3.74 14.18 12.92
C THR A 177 5.08 14.87 13.16
N LEU A 178 5.10 15.78 14.12
CA LEU A 178 6.35 16.43 14.53
C LEU A 178 6.76 15.73 15.82
N THR A 179 7.89 15.03 15.82
CA THR A 179 8.32 14.37 17.05
C THR A 179 9.49 15.11 17.70
N LEU A 180 9.31 15.45 18.97
CA LEU A 180 10.34 16.06 19.81
C LEU A 180 10.58 15.19 21.03
N THR A 181 11.64 15.47 21.80
CA THR A 181 11.76 14.92 23.14
C THR A 181 10.78 15.67 24.05
N LYS A 182 10.44 15.08 25.19
CA LYS A 182 9.63 15.77 26.19
C LYS A 182 10.29 17.09 26.63
N ASP A 183 11.61 17.06 26.86
CA ASP A 183 12.33 18.27 27.30
C ASP A 183 12.23 19.42 26.28
N GLU A 184 12.46 19.15 24.99
CA GLU A 184 12.28 20.21 23.99
C GLU A 184 10.84 20.71 23.91
N TYR A 185 9.89 19.78 23.91
CA TYR A 185 8.46 20.12 23.84
C TYR A 185 8.02 21.06 24.97
N GLU A 186 8.55 20.84 26.16
CA GLU A 186 8.16 21.66 27.32
C GLU A 186 8.89 23.01 27.33
N ARG A 187 9.89 23.14 26.47
CA ARG A 187 10.65 24.38 26.31
C ARG A 187 9.85 25.43 25.52
N HIS A 188 8.77 25.00 24.88
CA HIS A 188 7.98 25.87 24.00
C HIS A 188 6.52 25.92 24.38
N ASN A 189 5.81 26.93 23.90
CA ASN A 189 4.43 27.16 24.30
C ASN A 189 3.41 26.78 23.24
N SER A 190 3.64 27.26 22.01
CA SER A 190 2.63 27.13 20.98
C SER A 190 3.11 26.25 19.84
N TYR A 191 2.18 25.47 19.31
CA TYR A 191 2.45 24.53 18.24
C TYR A 191 1.40 24.72 17.19
N THR A 192 1.84 24.86 15.95
CA THR A 192 0.96 25.22 14.84
C THR A 192 1.21 24.38 13.59
N CYS A 193 0.15 23.84 12.99
CA CYS A 193 0.26 23.33 11.64
C CYS A 193 -0.56 24.18 10.65
N GLU A 194 0.05 24.44 9.50
CA GLU A 194 -0.57 25.25 8.45
C GLU A 194 -0.65 24.44 7.19
N ALA A 195 -1.86 24.28 6.67
CA ALA A 195 -2.08 23.58 5.42
C ALA A 195 -2.27 24.59 4.29
N THR A 196 -1.46 24.44 3.23
CA THR A 196 -1.66 25.19 1.99
C THR A 196 -2.24 24.27 0.90
N HIS A 197 -3.39 24.67 0.36
CA HIS A 197 -4.13 23.89 -0.64
C HIS A 197 -4.80 24.84 -1.61
N LYS A 198 -4.97 24.40 -2.86
CA LYS A 198 -5.44 25.29 -3.93
C LYS A 198 -6.82 25.88 -3.66
N THR A 199 -7.58 25.25 -2.77
CA THR A 199 -8.91 25.73 -2.37
C THR A 199 -8.92 27.09 -1.66
N SER A 200 -7.77 27.52 -1.15
CA SER A 200 -7.65 28.84 -0.51
C SER A 200 -6.31 29.52 -0.78
N THR A 201 -6.35 30.85 -0.91
CA THR A 201 -5.15 31.64 -1.09
C THR A 201 -4.38 31.73 0.22
N SER A 202 -5.11 31.64 1.33
CA SER A 202 -4.53 31.71 2.67
C SER A 202 -4.49 30.33 3.33
N PRO A 203 -3.39 30.02 4.06
CA PRO A 203 -3.30 28.71 4.72
C PRO A 203 -4.38 28.47 5.79
N ILE A 204 -4.78 27.21 5.95
CA ILE A 204 -5.61 26.81 7.08
C ILE A 204 -4.69 26.53 8.26
N VAL A 205 -4.93 27.23 9.37
CA VAL A 205 -4.02 27.24 10.49
C VAL A 205 -4.72 26.70 11.75
N LYS A 206 -4.23 25.58 12.27
CA LYS A 206 -4.71 25.04 13.55
C LYS A 206 -3.56 25.02 14.54
N SER A 207 -3.83 25.44 15.77
CA SER A 207 -2.77 25.47 16.74
C SER A 207 -3.25 25.11 18.13
N PHE A 208 -2.31 24.75 18.99
CA PHE A 208 -2.59 24.63 20.40
C PHE A 208 -1.47 25.23 21.21
N ASN A 209 -1.84 25.70 22.40
CA ASN A 209 -0.89 26.12 23.39
C ASN A 209 -0.81 25.07 24.50
N ARG A 210 0.41 24.83 24.97
CA ARG A 210 0.61 23.91 26.09
C ARG A 210 -0.19 24.31 27.32
N GLU B 1 -13.78 -23.34 -7.58
CA GLU B 1 -12.91 -22.12 -7.58
C GLU B 1 -11.44 -22.45 -7.33
N VAL B 2 -10.58 -21.53 -7.72
CA VAL B 2 -9.15 -21.71 -7.56
C VAL B 2 -8.67 -21.06 -6.27
N LYS B 3 -7.85 -21.77 -5.53
CA LYS B 3 -7.18 -21.22 -4.35
C LYS B 3 -5.68 -21.40 -4.49
N LEU B 4 -4.91 -20.35 -4.23
CA LEU B 4 -3.45 -20.44 -4.10
C LEU B 4 -3.07 -19.96 -2.71
N GLU B 5 -2.75 -20.90 -1.84
CA GLU B 5 -2.59 -20.62 -0.43
C GLU B 5 -1.11 -20.56 -0.11
N GLU B 6 -0.57 -19.34 -0.01
CA GLU B 6 0.86 -19.15 0.29
C GLU B 6 1.13 -19.21 1.79
N SER B 7 2.34 -19.60 2.16
CA SER B 7 2.77 -19.60 3.55
C SER B 7 4.29 -19.52 3.60
N GLY B 8 4.83 -19.27 4.79
CA GLY B 8 6.29 -19.21 4.99
C GLY B 8 6.90 -17.82 4.98
N GLY B 9 6.06 -16.79 4.87
CA GLY B 9 6.56 -15.42 4.88
C GLY B 9 6.96 -14.96 6.27
N GLY B 10 7.44 -13.73 6.35
CA GLY B 10 7.79 -13.17 7.65
C GLY B 10 9.04 -12.34 7.63
N LEU B 11 9.69 -12.24 8.78
CA LEU B 11 10.87 -11.41 8.95
C LEU B 11 12.12 -12.25 9.09
N VAL B 12 13.15 -11.86 8.34
CA VAL B 12 14.44 -12.54 8.36
C VAL B 12 15.56 -11.50 8.19
N GLN B 13 16.69 -11.73 8.83
CA GLN B 13 17.84 -10.83 8.72
C GLN B 13 18.57 -11.07 7.39
N PRO B 14 19.25 -10.04 6.86
CA PRO B 14 20.02 -10.20 5.64
C PRO B 14 21.04 -11.34 5.76
N GLY B 15 21.22 -12.10 4.67
CA GLY B 15 22.02 -13.31 4.67
C GLY B 15 21.23 -14.56 5.04
N GLY B 16 20.04 -14.36 5.62
CA GLY B 16 19.17 -15.47 6.03
C GLY B 16 18.45 -16.11 4.86
N SER B 17 17.65 -17.15 5.19
CA SER B 17 16.86 -17.90 4.22
C SER B 17 15.40 -17.95 4.64
N MET B 18 14.52 -18.09 3.65
CA MET B 18 13.10 -18.34 3.88
C MET B 18 12.66 -19.32 2.81
N LYS B 19 11.61 -20.06 3.11
CA LYS B 19 11.04 -20.99 2.13
C LYS B 19 9.56 -20.69 2.05
N LEU B 20 9.11 -20.26 0.87
CA LEU B 20 7.69 -20.04 0.63
C LEU B 20 7.02 -21.28 0.01
N SER B 21 5.80 -21.56 0.45
CA SER B 21 5.05 -22.68 -0.08
C SER B 21 3.74 -22.13 -0.59
N CYS B 22 3.23 -22.75 -1.66
CA CYS B 22 1.93 -22.40 -2.21
C CYS B 22 1.18 -23.67 -2.53
N ALA B 23 0.12 -23.93 -1.78
CA ALA B 23 -0.77 -25.07 -2.03
C ALA B 23 -1.90 -24.65 -2.96
N ALA B 24 -1.97 -25.31 -4.11
CA ALA B 24 -2.92 -24.95 -5.15
C ALA B 24 -4.10 -25.92 -5.18
N SER B 25 -5.28 -25.41 -5.52
CA SER B 25 -6.44 -26.27 -5.77
C SER B 25 -7.45 -25.60 -6.69
N GLY B 26 -8.27 -26.40 -7.36
CA GLY B 26 -9.31 -25.89 -8.25
C GLY B 26 -8.93 -25.88 -9.72
N PHE B 27 -7.74 -26.35 -10.04
CA PHE B 27 -7.30 -26.52 -11.44
C PHE B 27 -6.35 -27.71 -11.52
N THR B 28 -6.10 -28.18 -12.74
CA THR B 28 -5.24 -29.34 -12.93
C THR B 28 -3.80 -28.86 -12.83
N PHE B 29 -3.21 -29.08 -11.66
CA PHE B 29 -1.92 -28.51 -11.31
C PHE B 29 -0.80 -29.02 -12.21
N SER B 30 -0.85 -30.31 -12.55
CA SER B 30 0.13 -30.94 -13.45
C SER B 30 0.22 -30.31 -14.86
N ASP B 31 -0.85 -29.66 -15.32
CA ASP B 31 -0.83 -28.95 -16.61
C ASP B 31 -0.35 -27.51 -16.50
N ALA B 32 -0.21 -27.00 -15.29
CA ALA B 32 0.01 -25.57 -15.09
C ALA B 32 1.47 -25.20 -14.94
N TRP B 33 1.86 -24.15 -15.64
CA TRP B 33 3.08 -23.42 -15.37
C TRP B 33 2.79 -22.51 -14.20
N MET B 34 3.72 -22.47 -13.24
CA MET B 34 3.53 -21.67 -12.04
C MET B 34 4.62 -20.60 -12.02
N ASP B 35 4.31 -19.45 -11.44
CA ASP B 35 5.28 -18.37 -11.28
C ASP B 35 5.22 -17.72 -9.89
N TRP B 36 6.36 -17.18 -9.46
CA TRP B 36 6.42 -16.30 -8.31
C TRP B 36 6.64 -14.88 -8.80
N VAL B 37 5.92 -13.94 -8.19
CA VAL B 37 6.00 -12.54 -8.57
C VAL B 37 6.09 -11.82 -7.24
N ARG B 38 6.96 -10.81 -7.17
CA ARG B 38 7.00 -10.01 -5.96
C ARG B 38 6.67 -8.54 -6.24
N GLN B 39 6.23 -7.85 -5.20
CA GLN B 39 5.79 -6.47 -5.30
C GLN B 39 6.38 -5.65 -4.16
N SER B 40 6.92 -4.48 -4.52
CA SER B 40 7.42 -3.49 -3.57
C SER B 40 7.11 -2.11 -4.10
N PRO B 41 7.07 -1.09 -3.21
CA PRO B 41 6.87 0.27 -3.68
C PRO B 41 7.93 0.69 -4.72
N GLU B 42 9.18 0.37 -4.45
CA GLU B 42 10.32 0.84 -5.25
C GLU B 42 10.42 0.17 -6.62
N LYS B 43 10.16 -1.13 -6.70
CA LYS B 43 10.35 -1.83 -7.97
C LYS B 43 9.07 -2.32 -8.63
N GLY B 44 7.94 -2.08 -7.98
CA GLY B 44 6.63 -2.44 -8.52
C GLY B 44 6.49 -3.95 -8.56
N LEU B 45 5.88 -4.45 -9.62
CA LEU B 45 5.74 -5.87 -9.87
C LEU B 45 6.97 -6.42 -10.58
N GLU B 46 7.58 -7.46 -10.01
CA GLU B 46 8.75 -8.11 -10.57
C GLU B 46 8.51 -9.60 -10.65
N TRP B 47 8.62 -10.15 -11.85
CA TRP B 47 8.62 -11.60 -12.01
C TRP B 47 9.88 -12.15 -11.34
N VAL B 48 9.72 -13.19 -10.52
CA VAL B 48 10.85 -13.82 -9.81
C VAL B 48 11.31 -15.14 -10.45
N ALA B 49 10.38 -16.06 -10.68
CA ALA B 49 10.73 -17.40 -11.13
C ALA B 49 9.54 -18.06 -11.80
N GLU B 50 9.82 -18.90 -12.78
CA GLU B 50 8.83 -19.72 -13.47
C GLU B 50 9.26 -21.16 -13.33
N ILE B 51 8.27 -22.02 -13.13
CA ILE B 51 8.49 -23.47 -13.28
C ILE B 51 7.34 -24.06 -14.12
N ARG B 52 7.74 -24.67 -15.24
CA ARG B 52 6.81 -25.28 -16.18
C ARG B 52 6.28 -26.62 -15.70
N SER B 53 5.34 -27.16 -16.44
CA SER B 53 4.71 -28.46 -16.18
C SER B 53 5.63 -29.63 -16.55
N LYS B 54 5.22 -30.84 -16.16
CA LYS B 54 6.00 -32.08 -16.40
C LYS B 54 6.25 -32.29 -17.88
N VAL B 55 5.22 -32.06 -18.69
CA VAL B 55 5.33 -32.27 -20.13
C VAL B 55 6.34 -31.27 -20.72
N ASN B 56 6.50 -30.14 -20.05
CA ASN B 56 7.49 -29.15 -20.45
C ASN B 56 8.76 -29.26 -19.62
N ASN B 57 8.98 -30.46 -19.07
CA ASN B 57 10.22 -30.87 -18.43
C ASN B 57 10.53 -30.14 -17.13
N HIS B 58 9.50 -29.54 -16.52
CA HIS B 58 9.65 -28.72 -15.31
C HIS B 58 10.75 -27.68 -15.46
N ALA B 59 10.86 -27.10 -16.66
CA ALA B 59 11.94 -26.17 -16.95
C ALA B 59 11.78 -24.91 -16.11
N ILE B 60 12.90 -24.32 -15.72
CA ILE B 60 12.92 -23.26 -14.72
C ILE B 60 13.67 -22.05 -15.25
N HIS B 61 13.11 -20.86 -15.03
CA HIS B 61 13.81 -19.62 -15.29
C HIS B 61 13.68 -18.70 -14.08
N TYR B 62 14.73 -17.88 -13.87
CA TYR B 62 14.81 -16.94 -12.77
C TYR B 62 15.11 -15.55 -13.30
N ALA B 63 14.62 -14.55 -12.58
CA ALA B 63 15.07 -13.18 -12.73
C ALA B 63 16.55 -13.14 -12.36
N GLU B 64 17.32 -12.34 -13.09
CA GLU B 64 18.75 -12.23 -12.84
C GLU B 64 19.06 -11.80 -11.41
N SER B 65 18.22 -10.93 -10.83
CA SER B 65 18.39 -10.47 -9.45
C SER B 65 18.39 -11.57 -8.39
N VAL B 66 17.86 -12.75 -8.74
CA VAL B 66 17.74 -13.85 -7.77
C VAL B 66 18.50 -15.12 -8.16
N LYS B 67 19.03 -15.16 -9.38
CA LYS B 67 19.80 -16.31 -9.87
C LYS B 67 20.90 -16.67 -8.89
N GLY B 68 20.97 -17.95 -8.54
CA GLY B 68 21.97 -18.44 -7.59
C GLY B 68 21.55 -18.33 -6.14
N ARG B 69 20.51 -17.54 -5.85
CA ARG B 69 20.05 -17.39 -4.47
C ARG B 69 18.68 -18.05 -4.22
N PHE B 70 17.81 -18.05 -5.23
CA PHE B 70 16.44 -18.56 -5.07
C PHE B 70 16.31 -19.86 -5.86
N THR B 71 15.53 -20.79 -5.32
CA THR B 71 15.25 -22.03 -6.03
C THR B 71 13.75 -22.29 -6.05
N VAL B 72 13.19 -22.41 -7.25
CA VAL B 72 11.79 -22.76 -7.38
C VAL B 72 11.71 -24.26 -7.62
N SER B 73 10.68 -24.87 -7.07
CA SER B 73 10.42 -26.27 -7.28
C SER B 73 8.92 -26.50 -7.14
N ARG B 74 8.49 -27.70 -7.51
CA ARG B 74 7.10 -28.06 -7.36
C ARG B 74 6.95 -29.52 -6.96
N ASP B 75 5.83 -29.84 -6.33
CA ASP B 75 5.45 -31.21 -6.05
C ASP B 75 4.04 -31.40 -6.60
N ASP B 76 3.95 -32.06 -7.75
CA ASP B 76 2.67 -32.24 -8.42
C ASP B 76 1.70 -33.10 -7.59
N SER B 77 2.22 -34.07 -6.85
CA SER B 77 1.39 -34.94 -6.02
C SER B 77 0.80 -34.22 -4.81
N LYS B 78 1.38 -33.07 -4.46
CA LYS B 78 0.88 -32.23 -3.37
C LYS B 78 0.24 -30.96 -3.92
N SER B 79 0.16 -30.88 -5.25
CA SER B 79 -0.31 -29.68 -5.97
C SER B 79 0.30 -28.41 -5.37
N SER B 80 1.63 -28.43 -5.17
CA SER B 80 2.30 -27.33 -4.49
C SER B 80 3.55 -26.84 -5.19
N VAL B 81 3.78 -25.54 -5.10
CA VAL B 81 4.98 -24.93 -5.65
C VAL B 81 5.70 -24.25 -4.50
N TYR B 82 7.02 -24.13 -4.64
CA TYR B 82 7.85 -23.65 -3.55
C TYR B 82 8.84 -22.62 -4.05
N LEU B 83 9.26 -21.73 -3.15
CA LEU B 83 10.35 -20.83 -3.44
C LEU B 83 11.29 -20.81 -2.25
N GLN B 84 12.46 -21.41 -2.44
CA GLN B 84 13.53 -21.40 -1.43
C GLN B 84 14.37 -20.14 -1.67
N MET B 85 14.49 -19.29 -0.65
CA MET B 85 15.15 -18.02 -0.81
C MET B 85 16.35 -17.95 0.11
N ASN B 86 17.55 -17.91 -0.46
CA ASN B 86 18.78 -17.89 0.32
C ASN B 86 19.51 -16.57 0.20
N SER B 87 20.41 -16.31 1.15
CA SER B 87 21.29 -15.16 1.04
C SER B 87 20.44 -13.91 0.80
N LEU B 88 19.40 -13.77 1.62
CA LEU B 88 18.43 -12.69 1.47
C LEU B 88 19.06 -11.30 1.66
N ARG B 89 18.61 -10.35 0.86
CA ARG B 89 19.06 -8.96 0.94
C ARG B 89 17.86 -8.07 1.27
N ALA B 90 18.12 -6.87 1.80
CA ALA B 90 17.07 -5.90 2.10
C ALA B 90 16.13 -5.65 0.90
N GLU B 91 16.69 -5.55 -0.30
CA GLU B 91 15.92 -5.30 -1.52
C GLU B 91 15.09 -6.48 -2.00
N ASP B 92 15.19 -7.63 -1.33
CA ASP B 92 14.30 -8.77 -1.59
C ASP B 92 12.97 -8.63 -0.80
N THR B 93 12.89 -7.63 0.08
CA THR B 93 11.68 -7.33 0.84
C THR B 93 10.53 -7.03 -0.12
N GLY B 94 9.35 -7.57 0.16
CA GLY B 94 8.17 -7.24 -0.63
C GLY B 94 7.08 -8.27 -0.45
N ILE B 95 5.96 -8.08 -1.15
CA ILE B 95 4.89 -9.08 -1.11
C ILE B 95 5.20 -10.11 -2.20
N TYR B 96 5.21 -11.39 -1.83
CA TYR B 96 5.46 -12.47 -2.78
C TYR B 96 4.17 -13.17 -3.11
N TYR B 97 3.84 -13.18 -4.40
CA TYR B 97 2.64 -13.85 -4.87
C TYR B 97 3.01 -15.14 -5.56
N CYS B 98 2.27 -16.19 -5.21
CA CYS B 98 2.20 -17.39 -6.01
C CYS B 98 1.22 -17.15 -7.15
N SER B 99 1.63 -17.49 -8.35
CA SER B 99 0.82 -17.26 -9.53
C SER B 99 0.69 -18.57 -10.31
N GLY B 100 -0.53 -18.87 -10.73
CA GLY B 100 -0.84 -20.14 -11.35
C GLY B 100 -1.39 -20.03 -12.76
N TRP B 101 -1.07 -21.01 -13.60
CA TRP B 101 -1.57 -21.07 -14.98
C TRP B 101 -1.14 -19.82 -15.76
N SER B 102 0.16 -19.58 -15.77
CA SER B 102 0.74 -18.42 -16.44
C SER B 102 0.02 -17.10 -16.15
N PHE B 103 -0.05 -16.77 -14.87
CA PHE B 103 -0.55 -15.47 -14.37
C PHE B 103 -2.07 -15.30 -14.43
N LEU B 104 -2.80 -16.39 -14.67
CA LEU B 104 -4.25 -16.37 -14.63
C LEU B 104 -4.73 -16.27 -13.17
N TYR B 105 -4.07 -17.01 -12.29
CA TYR B 105 -4.50 -17.10 -10.90
C TYR B 105 -3.42 -16.52 -10.00
N TRP B 106 -3.84 -15.76 -8.99
CA TRP B 106 -2.89 -15.17 -8.07
C TRP B 106 -3.26 -15.48 -6.63
N GLY B 107 -2.26 -15.75 -5.81
CA GLY B 107 -2.50 -15.92 -4.39
C GLY B 107 -2.70 -14.56 -3.77
N GLN B 108 -2.95 -14.56 -2.47
CA GLN B 108 -3.23 -13.32 -1.75
C GLN B 108 -1.91 -12.59 -1.43
N GLY B 109 -0.79 -13.30 -1.56
CA GLY B 109 0.52 -12.72 -1.30
C GLY B 109 0.96 -12.96 0.13
N THR B 110 2.26 -13.13 0.33
CA THR B 110 2.83 -13.19 1.67
C THR B 110 3.97 -12.17 1.76
N LEU B 111 4.00 -11.44 2.87
CA LEU B 111 5.01 -10.43 3.07
C LEU B 111 6.31 -11.05 3.57
N VAL B 112 7.38 -10.72 2.87
CA VAL B 112 8.72 -11.13 3.24
C VAL B 112 9.50 -9.86 3.58
N THR B 113 9.92 -9.74 4.84
CA THR B 113 10.70 -8.57 5.25
C THR B 113 12.13 -9.03 5.56
N VAL B 114 13.08 -8.40 4.91
CA VAL B 114 14.48 -8.71 5.15
C VAL B 114 15.15 -7.49 5.76
N SER B 115 15.41 -7.55 7.05
CA SER B 115 16.01 -6.42 7.78
C SER B 115 16.73 -6.90 9.02
N ALA B 116 17.71 -6.11 9.46
CA ALA B 116 18.41 -6.33 10.73
C ALA B 116 17.56 -5.92 11.94
N ALA B 117 16.54 -5.09 11.70
CA ALA B 117 15.68 -4.58 12.75
C ALA B 117 14.88 -5.72 13.37
N LYS B 118 14.75 -5.68 14.69
CA LYS B 118 14.07 -6.73 15.44
C LYS B 118 12.57 -6.47 15.58
N THR B 119 11.80 -7.54 15.78
CA THR B 119 10.36 -7.43 16.00
C THR B 119 10.12 -6.60 17.27
N THR B 120 9.24 -5.62 17.15
CA THR B 120 8.98 -4.67 18.22
C THR B 120 7.50 -4.33 18.16
N PRO B 121 6.80 -4.45 19.31
CA PRO B 121 5.39 -4.09 19.39
C PRO B 121 5.22 -2.56 19.32
N PRO B 122 4.08 -2.08 18.80
CA PRO B 122 3.87 -0.63 18.77
C PRO B 122 3.57 -0.05 20.15
N SER B 123 3.94 1.21 20.36
CA SER B 123 3.36 2.01 21.45
C SER B 123 2.14 2.70 20.85
N VAL B 124 0.99 2.56 21.51
CA VAL B 124 -0.26 3.14 20.99
C VAL B 124 -0.68 4.31 21.87
N TYR B 125 -0.74 5.49 21.26
CA TYR B 125 -1.04 6.70 21.99
C TYR B 125 -2.34 7.34 21.50
N PRO B 126 -3.18 7.80 22.44
CA PRO B 126 -4.41 8.47 22.05
C PRO B 126 -4.16 9.90 21.56
N LEU B 127 -4.93 10.32 20.55
CA LEU B 127 -4.88 11.70 20.11
C LEU B 127 -6.26 12.32 20.39
N ALA B 128 -6.31 13.17 21.41
CA ALA B 128 -7.52 13.89 21.77
C ALA B 128 -7.25 15.38 21.63
N PRO B 129 -8.28 16.17 21.26
CA PRO B 129 -8.14 17.61 21.01
C PRO B 129 -7.59 18.37 22.22
N SER B 137 -19.45 20.61 15.35
CA SER B 137 -20.49 19.58 15.39
C SER B 137 -19.94 18.16 15.13
N MET B 138 -18.79 18.08 14.48
CA MET B 138 -18.01 16.83 14.39
C MET B 138 -16.70 17.03 15.14
N VAL B 139 -16.20 15.99 15.77
CA VAL B 139 -14.87 16.03 16.38
C VAL B 139 -13.99 14.93 15.80
N THR B 140 -12.76 15.28 15.48
CA THR B 140 -11.80 14.32 14.96
C THR B 140 -10.90 13.86 16.10
N LEU B 141 -10.75 12.54 16.19
CA LEU B 141 -9.91 11.90 17.20
C LEU B 141 -8.87 11.05 16.46
N GLY B 142 -7.90 10.52 17.19
CA GLY B 142 -6.94 9.65 16.53
C GLY B 142 -6.16 8.76 17.46
N CYS B 143 -5.39 7.88 16.86
CA CYS B 143 -4.37 7.18 17.61
C CYS B 143 -3.08 7.07 16.83
N LEU B 144 -2.00 7.19 17.57
CA LEU B 144 -0.67 7.17 17.02
C LEU B 144 -0.07 5.82 17.38
N VAL B 145 0.31 5.08 16.36
CA VAL B 145 0.83 3.73 16.51
C VAL B 145 2.32 3.78 16.18
N LYS B 146 3.14 3.92 17.22
CA LYS B 146 4.53 4.34 17.08
C LYS B 146 5.51 3.24 17.43
N GLY B 147 6.59 3.15 16.63
CA GLY B 147 7.77 2.37 16.99
C GLY B 147 7.60 0.87 16.90
N TYR B 148 7.00 0.41 15.81
CA TYR B 148 6.82 -1.02 15.64
C TYR B 148 7.62 -1.56 14.45
N PHE B 149 7.76 -2.88 14.42
CA PHE B 149 8.45 -3.58 13.35
C PHE B 149 8.18 -5.08 13.51
N PRO B 150 7.98 -5.81 12.40
CA PRO B 150 7.80 -5.35 11.02
C PRO B 150 6.35 -4.94 10.74
N GLU B 151 6.06 -4.61 9.49
CA GLU B 151 4.68 -4.50 9.02
C GLU B 151 4.09 -5.90 9.01
N PRO B 152 2.75 -6.01 9.03
CA PRO B 152 1.76 -4.95 9.15
C PRO B 152 1.19 -4.72 10.57
N VAL B 153 0.42 -3.64 10.69
CA VAL B 153 -0.47 -3.38 11.80
C VAL B 153 -1.88 -3.23 11.20
N THR B 154 -2.92 -3.65 11.92
CA THR B 154 -4.29 -3.27 11.57
C THR B 154 -4.84 -2.35 12.64
N VAL B 155 -5.65 -1.39 12.22
CA VAL B 155 -6.31 -0.48 13.13
C VAL B 155 -7.79 -0.44 12.80
N THR B 156 -8.63 -0.66 13.81
CA THR B 156 -10.05 -0.43 13.70
C THR B 156 -10.50 0.48 14.81
N TRP B 157 -11.71 1.00 14.68
CA TRP B 157 -12.31 1.83 15.70
C TRP B 157 -13.60 1.21 16.23
N ASN B 158 -13.71 1.17 17.56
CA ASN B 158 -14.84 0.52 18.25
C ASN B 158 -15.15 -0.89 17.69
N SER B 159 -14.08 -1.68 17.56
CA SER B 159 -14.13 -3.05 17.01
C SER B 159 -14.74 -3.11 15.61
N GLY B 160 -14.48 -2.08 14.81
CA GLY B 160 -14.95 -2.02 13.43
C GLY B 160 -16.33 -1.41 13.25
N SER B 161 -17.06 -1.19 14.34
CA SER B 161 -18.41 -0.61 14.25
C SER B 161 -18.39 0.88 13.88
N LEU B 162 -17.27 1.53 14.11
CA LEU B 162 -17.04 2.88 13.64
C LEU B 162 -16.23 2.74 12.35
N SER B 163 -16.94 2.62 11.23
CA SER B 163 -16.32 2.22 9.95
C SER B 163 -16.16 3.42 9.01
N SER B 164 -17.09 4.35 9.08
CA SER B 164 -16.98 5.59 8.33
C SER B 164 -16.33 6.67 9.19
N GLY B 165 -15.79 7.70 8.53
CA GLY B 165 -15.05 8.78 9.19
C GLY B 165 -13.57 8.47 9.41
N VAL B 166 -13.13 7.27 9.00
CA VAL B 166 -11.83 6.72 9.39
C VAL B 166 -10.78 6.84 8.28
N HIS B 167 -9.61 7.36 8.63
CA HIS B 167 -8.44 7.35 7.75
C HIS B 167 -7.29 6.71 8.47
N THR B 168 -6.78 5.62 7.92
CA THR B 168 -5.57 5.03 8.46
C THR B 168 -4.45 5.27 7.45
N PHE B 169 -3.43 5.98 7.91
CA PHE B 169 -2.34 6.45 7.05
C PHE B 169 -1.26 5.39 6.88
N PRO B 170 -0.72 5.26 5.64
CA PRO B 170 0.39 4.32 5.46
C PRO B 170 1.48 4.57 6.49
N ALA B 171 2.05 3.49 7.01
CA ALA B 171 3.16 3.59 7.97
C ALA B 171 4.41 4.13 7.27
N VAL B 172 5.25 4.82 8.04
CA VAL B 172 6.50 5.36 7.52
C VAL B 172 7.64 4.81 8.37
N LEU B 173 8.65 4.26 7.69
CA LEU B 173 9.83 3.71 8.35
C LEU B 173 10.87 4.79 8.63
N GLN B 174 11.10 5.08 9.92
CA GLN B 174 12.21 5.94 10.35
C GLN B 174 12.92 5.35 11.56
N SER B 175 14.26 5.28 11.49
CA SER B 175 15.10 4.78 12.59
C SER B 175 14.88 3.28 12.81
N ASP B 176 14.72 2.56 11.69
CA ASP B 176 14.40 1.13 11.69
C ASP B 176 13.08 0.79 12.42
N LEU B 177 12.20 1.77 12.61
CA LEU B 177 10.86 1.50 13.16
C LEU B 177 9.75 2.20 12.38
N TYR B 178 8.63 1.50 12.22
CA TYR B 178 7.45 2.05 11.56
C TYR B 178 6.61 2.87 12.51
N THR B 179 5.94 3.88 11.97
CA THR B 179 5.01 4.71 12.71
C THR B 179 3.83 4.99 11.79
N LEU B 180 2.65 4.89 12.37
CA LEU B 180 1.42 5.01 11.63
C LEU B 180 0.45 5.82 12.49
N SER B 181 -0.51 6.45 11.84
CA SER B 181 -1.57 7.15 12.55
C SER B 181 -2.93 6.82 11.91
N SER B 182 -3.97 6.90 12.71
CA SER B 182 -5.34 6.73 12.22
C SER B 182 -6.20 7.84 12.83
N SER B 183 -7.12 8.38 12.04
CA SER B 183 -8.09 9.33 12.57
C SER B 183 -9.50 8.78 12.46
N VAL B 184 -10.39 9.30 13.30
CA VAL B 184 -11.82 9.01 13.23
C VAL B 184 -12.55 10.31 13.52
N THR B 185 -13.70 10.48 12.87
CA THR B 185 -14.55 11.63 13.11
C THR B 185 -15.91 11.13 13.63
N VAL B 186 -16.35 11.70 14.75
CA VAL B 186 -17.66 11.36 15.34
C VAL B 186 -18.39 12.67 15.66
N PRO B 187 -19.73 12.63 15.81
CA PRO B 187 -20.43 13.85 16.22
C PRO B 187 -19.86 14.33 17.57
N SER B 188 -19.64 15.63 17.71
CA SER B 188 -19.01 16.15 18.92
C SER B 188 -19.91 16.00 20.15
N SER B 189 -21.22 15.88 19.93
CA SER B 189 -22.17 15.63 21.02
C SER B 189 -21.92 14.26 21.67
N THR B 190 -21.37 13.33 20.90
CA THR B 190 -21.20 11.95 21.34
C THR B 190 -19.88 11.69 22.07
N TRP B 191 -19.01 12.69 22.13
CA TRP B 191 -17.70 12.51 22.74
C TRP B 191 -17.36 13.69 23.65
N PRO B 192 -16.92 13.40 24.90
CA PRO B 192 -16.55 12.11 25.47
C PRO B 192 -17.67 11.25 26.07
N SER B 193 -18.92 11.70 25.99
CA SER B 193 -20.01 10.96 26.63
C SER B 193 -20.08 9.50 26.17
N GLU B 194 -19.87 9.26 24.87
CA GLU B 194 -19.76 7.89 24.36
C GLU B 194 -18.29 7.57 24.08
N THR B 195 -17.88 6.36 24.43
CA THR B 195 -16.46 5.98 24.37
C THR B 195 -16.01 5.68 22.95
N VAL B 196 -14.83 6.19 22.60
CA VAL B 196 -14.21 5.91 21.31
C VAL B 196 -12.90 5.17 21.56
N THR B 197 -12.73 4.03 20.90
CA THR B 197 -11.62 3.14 21.16
C THR B 197 -10.93 2.76 19.86
N CYS B 198 -9.61 2.92 19.80
CA CYS B 198 -8.90 2.38 18.65
C CYS B 198 -8.30 1.03 19.01
N ASN B 199 -8.50 0.07 18.11
CA ASN B 199 -8.05 -1.30 18.30
C ASN B 199 -6.90 -1.55 17.36
N VAL B 200 -5.75 -1.88 17.92
CA VAL B 200 -4.52 -2.03 17.16
C VAL B 200 -4.02 -3.45 17.31
N ALA B 201 -3.79 -4.11 16.19
CA ALA B 201 -3.24 -5.45 16.17
C ALA B 201 -1.90 -5.46 15.43
N HIS B 202 -0.89 -6.07 16.04
CA HIS B 202 0.43 -6.25 15.43
C HIS B 202 0.78 -7.74 15.59
N PRO B 203 0.33 -8.59 14.64
CA PRO B 203 0.49 -10.04 14.69
C PRO B 203 1.94 -10.46 14.93
N ALA B 204 2.89 -9.78 14.28
CA ALA B 204 4.31 -10.16 14.38
C ALA B 204 4.79 -10.23 15.82
N SER B 205 4.31 -9.33 16.67
CA SER B 205 4.65 -9.37 18.10
C SER B 205 3.52 -9.90 18.96
N SER B 206 2.51 -10.52 18.32
CA SER B 206 1.31 -10.97 19.01
C SER B 206 0.80 -9.87 19.96
N THR B 207 0.59 -8.69 19.39
CA THR B 207 0.09 -7.52 20.11
C THR B 207 -1.35 -7.29 19.68
N LYS B 208 -2.22 -7.13 20.66
CA LYS B 208 -3.61 -6.81 20.42
C LYS B 208 -4.03 -5.84 21.51
N VAL B 209 -4.16 -4.56 21.16
CA VAL B 209 -4.47 -3.54 22.17
C VAL B 209 -5.63 -2.62 21.82
N ASP B 210 -6.39 -2.24 22.84
CA ASP B 210 -7.53 -1.33 22.73
C ASP B 210 -7.21 -0.06 23.51
N LYS B 211 -7.19 1.07 22.82
CA LYS B 211 -6.89 2.33 23.49
C LYS B 211 -8.08 3.27 23.42
N LYS B 212 -8.70 3.51 24.57
CA LYS B 212 -9.79 4.49 24.70
C LYS B 212 -9.23 5.90 24.54
N ILE B 213 -9.94 6.73 23.79
CA ILE B 213 -9.55 8.13 23.64
C ILE B 213 -10.21 8.94 24.76
N VAL B 214 -9.40 9.39 25.71
CA VAL B 214 -9.91 10.15 26.84
C VAL B 214 -9.62 11.65 26.68
N PRO B 215 -10.56 12.52 27.11
CA PRO B 215 -10.29 13.95 27.08
C PRO B 215 -9.09 14.31 27.95
N ARG B 216 -8.38 15.37 27.58
CA ARG B 216 -7.27 15.91 28.37
C ARG B 216 -7.76 16.52 29.70
#